data_6R9N
#
_entry.id   6R9N
#
_cell.length_a   44.675
_cell.length_b   85.451
_cell.length_c   118.803
_cell.angle_alpha   90.00
_cell.angle_beta   90.00
_cell.angle_gamma   90.00
#
_symmetry.space_group_name_H-M   'P 21 21 21'
#
loop_
_entity.id
_entity.type
_entity.pdbx_description
1 polymer 'Uncharacterized protein'
2 non-polymer 'FE (III) ION'
3 non-polymer 'PEROXIDE ION'
4 non-polymer 'OXYGEN ATOM'
5 non-polymer 'CHLORIDE ION'
6 water water
#
_entity_poly.entity_id   1
_entity_poly.type   'polypeptide(L)'
_entity_poly.pdbx_seq_one_letter_code
;MENNGIDGVVLYEDADHKFIWLGSESKQRKGAVQTMQYLIVDRGRGVLLDPGGVHLFSRVVTAISRFISVDKIDTIFFSH
QDPDVSSGIALWLGITKAKIYISSLWVRFMPHFGIVDISRMVPIPDKGMSISLPSGSNMKCIPSHFMHSPGQFGLYDERS
RILFSGDIGAAVFDDDNETTFVEDFEKHLPLIEGFHVRYMASNKIVSKWVEYVRRLNPLMIAPQHGAIYKDEQVNNFLNW
LSGLKCGTDYIENLF
;
_entity_poly.pdbx_strand_id   A,B
#
# COMPACT_ATOMS: atom_id res chain seq x y z
N ILE A 6 13.36 -0.59 21.71
CA ILE A 6 14.75 -0.17 21.53
C ILE A 6 15.68 -1.39 21.47
N ASP A 7 15.53 -2.32 22.41
CA ASP A 7 16.47 -3.42 22.60
C ASP A 7 16.03 -4.69 21.88
N GLY A 8 17.00 -5.57 21.64
CA GLY A 8 16.78 -6.76 20.83
C GLY A 8 16.56 -7.99 21.70
N VAL A 9 15.60 -8.82 21.29
CA VAL A 9 15.14 -9.97 22.06
C VAL A 9 15.25 -11.19 21.17
N VAL A 10 16.07 -12.16 21.58
CA VAL A 10 16.28 -13.36 20.79
C VAL A 10 15.11 -14.31 20.99
N LEU A 11 14.45 -14.67 19.89
CA LEU A 11 13.31 -15.58 19.90
C LEU A 11 13.72 -17.03 19.70
N TYR A 12 14.80 -17.26 18.97
CA TYR A 12 15.30 -18.60 18.65
C TYR A 12 16.80 -18.49 18.50
N GLU A 13 17.49 -19.57 18.88
CA GLU A 13 18.94 -19.54 18.86
C GLU A 13 19.44 -20.98 18.71
N ASP A 14 20.40 -21.18 17.82
CA ASP A 14 21.29 -22.33 17.91
C ASP A 14 22.68 -21.82 17.53
N ALA A 15 23.63 -22.77 17.39
CA ALA A 15 25.03 -22.38 17.19
C ALA A 15 25.24 -21.57 15.92
N ASP A 16 24.41 -21.77 14.90
CA ASP A 16 24.64 -21.17 13.60
C ASP A 16 23.58 -20.17 13.17
N HIS A 17 22.50 -19.99 13.93
CA HIS A 17 21.32 -19.31 13.43
C HIS A 17 20.57 -18.67 14.59
N LYS A 18 20.20 -17.39 14.45
CA LYS A 18 19.36 -16.70 15.42
C LYS A 18 18.23 -15.99 14.70
N PHE A 19 17.08 -15.93 15.37
CA PHE A 19 15.94 -15.11 14.98
C PHE A 19 15.67 -14.14 16.13
N ILE A 20 15.70 -12.84 15.82
CA ILE A 20 15.73 -11.77 16.82
C ILE A 20 14.62 -10.76 16.53
N TRP A 21 13.87 -10.40 17.57
CA TRP A 21 12.97 -9.25 17.53
C TRP A 21 13.73 -7.98 17.92
N LEU A 22 13.67 -6.98 17.02
CA LEU A 22 14.38 -5.69 17.09
C LEU A 22 15.88 -5.87 16.87
N GLY A 31 1.24 9.50 17.39
CA GLY A 31 -0.10 9.08 17.02
C GLY A 31 -0.18 7.77 16.26
N ALA A 32 0.98 7.21 15.88
CA ALA A 32 1.00 6.11 14.92
C ALA A 32 1.02 4.76 15.60
N VAL A 33 0.50 3.76 14.87
CA VAL A 33 0.64 2.36 15.28
C VAL A 33 2.12 2.01 15.36
N GLN A 34 2.56 1.23 16.37
CA GLN A 34 3.99 1.02 16.29
C GLN A 34 4.22 -0.23 15.45
N THR A 35 5.48 -0.46 15.13
CA THR A 35 5.89 -1.47 14.16
C THR A 35 6.92 -2.39 14.82
N MET A 36 6.96 -3.64 14.35
CA MET A 36 7.91 -4.64 14.84
C MET A 36 8.93 -4.93 13.76
N GLN A 37 10.22 -4.87 14.10
CA GLN A 37 11.32 -5.15 13.18
C GLN A 37 12.02 -6.44 13.61
N TYR A 38 12.44 -7.24 12.64
CA TYR A 38 13.07 -8.51 12.95
C TYR A 38 14.41 -8.66 12.24
N LEU A 39 15.28 -9.46 12.84
CA LEU A 39 16.59 -9.74 12.29
C LEU A 39 16.84 -11.24 12.38
N ILE A 40 17.30 -11.82 11.29
CA ILE A 40 17.82 -13.18 11.26
C ILE A 40 19.32 -13.09 11.07
N VAL A 41 20.07 -13.81 11.91
CA VAL A 41 21.53 -13.92 11.80
C VAL A 41 21.84 -15.39 11.53
N ASP A 42 22.69 -15.64 10.54
CA ASP A 42 22.99 -17.00 10.10
C ASP A 42 24.46 -17.04 9.72
N ARG A 43 25.24 -17.81 10.48
CA ARG A 43 26.69 -17.87 10.30
C ARG A 43 27.28 -16.47 10.15
N GLY A 44 26.80 -15.54 10.99
CA GLY A 44 27.37 -14.22 10.99
C GLY A 44 26.83 -13.26 9.94
N ARG A 45 25.90 -13.68 9.09
CA ARG A 45 25.30 -12.80 8.09
C ARG A 45 23.86 -12.49 8.49
N GLY A 46 23.35 -11.34 8.05
CA GLY A 46 22.08 -10.82 8.51
C GLY A 46 21.00 -10.79 7.43
N VAL A 47 19.75 -10.95 7.86
CA VAL A 47 18.56 -10.75 7.02
C VAL A 47 17.63 -9.86 7.81
N LEU A 48 17.31 -8.69 7.25
CA LEU A 48 16.51 -7.68 7.94
C LEU A 48 15.07 -7.72 7.43
N LEU A 49 14.10 -7.82 8.36
CA LEU A 49 12.69 -7.93 8.00
C LEU A 49 11.95 -6.63 8.31
N ASP A 50 11.30 -6.07 7.28
CA ASP A 50 10.44 -4.87 7.34
C ASP A 50 11.03 -3.82 8.26
N PRO A 51 12.19 -3.27 7.91
CA PRO A 51 12.86 -2.32 8.79
C PRO A 51 12.27 -0.92 8.75
N GLY A 52 11.15 -0.74 8.05
CA GLY A 52 10.72 0.60 7.72
C GLY A 52 10.42 1.44 8.93
N GLY A 53 10.46 2.75 8.69
CA GLY A 53 10.42 3.73 9.75
C GLY A 53 11.71 4.52 9.69
N VAL A 54 11.69 5.62 8.94
CA VAL A 54 12.84 6.52 8.87
C VAL A 54 13.21 7.06 10.24
N HIS A 55 12.31 6.97 11.22
CA HIS A 55 12.61 7.50 12.52
C HIS A 55 13.31 6.47 13.40
N LEU A 56 13.94 6.99 14.46
CA LEU A 56 15.23 6.54 14.96
C LEU A 56 15.81 5.37 14.17
N PHE A 57 16.35 5.69 13.00
CA PHE A 57 17.11 4.70 12.24
C PHE A 57 18.27 4.20 13.09
N SER A 58 18.76 5.07 13.96
CA SER A 58 19.88 4.74 14.82
C SER A 58 19.46 3.82 15.96
N ARG A 59 18.16 3.72 16.24
CA ARG A 59 17.72 2.74 17.23
C ARG A 59 17.85 1.34 16.67
N VAL A 60 17.39 1.13 15.43
CA VAL A 60 17.48 -0.19 14.81
C VAL A 60 18.94 -0.59 14.61
N VAL A 61 19.76 0.36 14.13
CA VAL A 61 21.19 0.10 13.92
C VAL A 61 21.85 -0.32 15.23
N THR A 62 21.63 0.45 16.30
CA THR A 62 22.18 0.11 17.60
C THR A 62 21.78 -1.30 18.02
N ALA A 63 20.50 -1.62 17.88
CA ALA A 63 20.02 -2.94 18.27
C ALA A 63 20.69 -4.02 17.43
N ILE A 64 20.74 -3.82 16.11
CA ILE A 64 21.39 -4.79 15.24
C ILE A 64 22.84 -5.01 15.66
N SER A 65 23.53 -3.92 15.99
CA SER A 65 24.96 -3.98 16.30
C SER A 65 25.31 -4.79 17.54
N ARG A 66 24.34 -5.12 18.40
CA ARG A 66 24.62 -6.05 19.49
C ARG A 66 24.79 -7.48 18.99
N PHE A 67 24.46 -7.75 17.73
CA PHE A 67 24.51 -9.11 17.19
C PHE A 67 25.38 -9.25 15.97
N ILE A 68 25.50 -8.21 15.15
CA ILE A 68 26.14 -8.35 13.85
C ILE A 68 26.53 -6.97 13.35
N SER A 69 27.59 -6.92 12.57
CA SER A 69 27.94 -5.66 11.91
C SER A 69 26.94 -5.36 10.80
N VAL A 70 26.53 -4.09 10.73
CA VAL A 70 25.51 -3.71 9.76
C VAL A 70 26.04 -3.94 8.34
N ASP A 71 27.36 -3.91 8.19
CA ASP A 71 28.10 -4.38 7.03
C ASP A 71 27.58 -5.70 6.47
N LYS A 72 27.21 -6.63 7.35
CA LYS A 72 27.03 -8.02 6.96
C LYS A 72 25.56 -8.40 6.76
N ILE A 73 24.67 -7.41 6.70
CA ILE A 73 23.29 -7.68 6.27
C ILE A 73 23.30 -7.84 4.75
N ASP A 74 23.05 -9.06 4.29
CA ASP A 74 23.04 -9.38 2.87
C ASP A 74 21.66 -9.23 2.25
N THR A 75 20.61 -9.31 3.04
CA THR A 75 19.25 -9.35 2.52
C THR A 75 18.33 -8.48 3.37
N ILE A 76 17.44 -7.77 2.71
CA ILE A 76 16.39 -6.99 3.37
C ILE A 76 15.07 -7.41 2.75
N PHE A 77 14.13 -7.82 3.58
CA PHE A 77 12.86 -8.36 3.12
C PHE A 77 11.76 -7.34 3.40
N PHE A 78 10.98 -7.01 2.39
CA PHE A 78 9.82 -6.12 2.51
C PHE A 78 8.57 -6.96 2.27
N SER A 79 7.72 -7.07 3.30
CA SER A 79 6.51 -7.85 3.13
C SER A 79 5.62 -7.25 2.03
N HIS A 80 5.58 -5.92 1.93
CA HIS A 80 4.79 -5.25 0.87
C HIS A 80 5.24 -3.79 0.79
N GLN A 81 4.41 -2.94 0.19
CA GLN A 81 4.81 -1.61 -0.27
C GLN A 81 4.56 -0.49 0.73
N ASP A 82 3.89 -0.77 1.85
CA ASP A 82 3.40 0.29 2.71
C ASP A 82 4.53 1.12 3.34
N PRO A 83 4.25 2.39 3.66
CA PRO A 83 5.29 3.22 4.30
C PRO A 83 5.76 2.71 5.66
N ASP A 84 4.89 2.10 6.47
CA ASP A 84 5.41 1.54 7.71
C ASP A 84 6.36 0.36 7.49
N VAL A 85 6.43 -0.18 6.27
CA VAL A 85 7.35 -1.27 5.92
C VAL A 85 8.65 -0.74 5.34
N SER A 86 8.52 0.23 4.43
CA SER A 86 9.53 0.59 3.46
C SER A 86 10.12 1.98 3.61
N SER A 87 9.59 2.82 4.50
CA SER A 87 9.95 4.25 4.52
C SER A 87 11.45 4.50 4.65
N GLY A 88 12.18 3.64 5.37
CA GLY A 88 13.58 3.94 5.61
C GLY A 88 14.56 3.36 4.61
N ILE A 89 14.05 2.97 3.43
CA ILE A 89 14.83 2.21 2.47
C ILE A 89 16.12 2.94 2.07
N ALA A 90 16.08 4.26 1.92
CA ALA A 90 17.28 4.99 1.49
C ALA A 90 18.39 4.88 2.52
N LEU A 91 18.04 4.92 3.81
CA LEU A 91 19.06 4.84 4.85
C LEU A 91 19.73 3.46 4.88
N TRP A 92 18.97 2.39 4.68
CA TRP A 92 19.58 1.07 4.72
C TRP A 92 20.45 0.82 3.50
N LEU A 93 20.07 1.38 2.35
CA LEU A 93 20.87 1.20 1.14
C LEU A 93 22.23 1.87 1.23
N GLY A 94 22.37 2.87 2.10
CA GLY A 94 23.63 3.57 2.20
C GLY A 94 24.67 2.84 3.03
N ILE A 95 24.25 2.06 4.02
CA ILE A 95 25.18 1.38 4.91
C ILE A 95 25.25 -0.12 4.68
N THR A 96 24.49 -0.67 3.74
CA THR A 96 24.56 -2.07 3.43
C THR A 96 24.68 -2.24 1.92
N LYS A 97 25.20 -3.40 1.53
CA LYS A 97 25.17 -3.84 0.15
C LYS A 97 24.10 -4.89 -0.10
N ALA A 98 23.06 -4.92 0.74
CA ALA A 98 22.04 -5.95 0.67
C ALA A 98 21.19 -5.82 -0.59
N LYS A 99 20.66 -6.94 -1.06
CA LYS A 99 19.54 -6.91 -1.98
C LYS A 99 18.23 -6.80 -1.21
N ILE A 100 17.22 -6.22 -1.84
CA ILE A 100 15.91 -6.03 -1.24
C ILE A 100 14.90 -6.94 -1.91
N TYR A 101 14.28 -7.81 -1.12
CA TYR A 101 13.28 -8.72 -1.64
C TYR A 101 11.91 -8.10 -1.45
N ILE A 102 11.16 -8.01 -2.54
CA ILE A 102 9.81 -7.46 -2.51
C ILE A 102 9.05 -8.07 -3.68
N SER A 103 7.74 -8.16 -3.54
CA SER A 103 6.89 -8.62 -4.63
C SER A 103 7.22 -7.91 -5.94
N SER A 104 7.24 -8.68 -7.02
CA SER A 104 7.41 -8.08 -8.35
C SER A 104 6.32 -7.04 -8.65
N LEU A 105 5.19 -7.05 -7.93
CA LEU A 105 4.16 -6.03 -8.14
C LEU A 105 4.68 -4.63 -7.85
N TRP A 106 5.69 -4.50 -6.98
CA TRP A 106 6.11 -3.20 -6.48
C TRP A 106 7.48 -2.74 -6.96
N VAL A 107 8.29 -3.65 -7.50
CA VAL A 107 9.65 -3.29 -7.91
C VAL A 107 9.64 -2.11 -8.87
N ARG A 108 8.69 -2.11 -9.82
CA ARG A 108 8.79 -1.06 -10.83
C ARG A 108 8.29 0.27 -10.34
N PHE A 109 8.25 0.47 -9.02
CA PHE A 109 7.91 1.74 -8.41
C PHE A 109 9.00 2.11 -7.39
N ILE A 115 21.86 4.55 -3.26
CA ILE A 115 20.76 4.98 -4.10
C ILE A 115 19.84 3.84 -4.50
N VAL A 116 18.57 4.18 -4.77
CA VAL A 116 17.60 3.19 -5.21
C VAL A 116 17.95 2.80 -6.63
N ASP A 117 18.86 1.84 -6.77
CA ASP A 117 19.28 1.32 -8.07
C ASP A 117 18.68 -0.06 -8.27
N ILE A 118 18.19 -0.32 -9.50
CA ILE A 118 17.36 -1.49 -9.74
C ILE A 118 18.12 -2.78 -9.48
N SER A 119 19.45 -2.76 -9.53
CA SER A 119 20.21 -3.97 -9.24
C SER A 119 20.12 -4.37 -7.77
N ARG A 120 19.54 -3.53 -6.90
CA ARG A 120 19.35 -3.94 -5.51
C ARG A 120 18.08 -4.78 -5.31
N MET A 121 17.17 -4.84 -6.29
CA MET A 121 15.87 -5.47 -6.14
C MET A 121 15.87 -6.94 -6.56
N VAL A 122 15.34 -7.80 -5.70
CA VAL A 122 14.99 -9.17 -6.06
C VAL A 122 13.47 -9.28 -6.10
N PRO A 123 12.84 -9.37 -7.27
CA PRO A 123 11.37 -9.44 -7.33
C PRO A 123 10.90 -10.84 -6.96
N ILE A 124 9.96 -10.92 -6.03
CA ILE A 124 9.38 -12.20 -5.63
C ILE A 124 8.21 -12.49 -6.57
N PRO A 125 8.20 -13.62 -7.27
CA PRO A 125 7.04 -13.95 -8.10
C PRO A 125 5.88 -14.36 -7.22
N ASP A 126 4.69 -14.36 -7.81
CA ASP A 126 3.46 -14.45 -7.02
C ASP A 126 3.43 -15.67 -6.10
N LYS A 127 4.00 -16.81 -6.49
CA LYS A 127 3.91 -18.02 -5.68
C LYS A 127 5.08 -18.20 -4.71
N GLY A 128 5.96 -17.21 -4.62
CA GLY A 128 7.02 -17.21 -3.64
C GLY A 128 8.30 -17.76 -4.20
N MET A 129 9.30 -17.79 -3.34
CA MET A 129 10.63 -18.28 -3.67
C MET A 129 11.33 -18.56 -2.34
N SER A 130 12.43 -19.29 -2.42
CA SER A 130 13.27 -19.60 -1.27
C SER A 130 14.55 -18.76 -1.27
N ILE A 131 15.08 -18.52 -0.07
CA ILE A 131 16.37 -17.88 0.13
C ILE A 131 17.24 -18.82 0.95
N SER A 132 18.40 -19.21 0.40
CA SER A 132 19.29 -20.16 1.05
C SER A 132 20.17 -19.46 2.08
N LEU A 133 20.40 -20.11 3.21
CA LEU A 133 21.24 -19.52 4.23
C LEU A 133 22.57 -20.26 4.37
N PRO A 134 23.61 -19.57 4.86
CA PRO A 134 24.93 -20.22 5.04
C PRO A 134 24.89 -21.46 5.93
N SER A 135 23.99 -21.52 6.91
CA SER A 135 23.89 -22.68 7.79
C SER A 135 23.43 -23.95 7.09
N GLY A 136 22.89 -23.86 5.89
CA GLY A 136 22.22 -24.99 5.28
C GLY A 136 20.72 -24.92 5.30
N SER A 137 20.14 -24.04 6.12
CA SER A 137 18.69 -23.84 6.15
C SER A 137 18.23 -22.87 5.06
N ASN A 138 16.91 -22.93 4.80
CA ASN A 138 16.26 -22.04 3.86
C ASN A 138 15.20 -21.19 4.57
N MET A 139 14.89 -20.06 3.95
CA MET A 139 13.70 -19.27 4.25
C MET A 139 12.79 -19.33 3.03
N LYS A 140 11.47 -19.34 3.26
CA LYS A 140 10.49 -19.38 2.18
C LYS A 140 9.62 -18.14 2.23
N CYS A 141 9.50 -17.45 1.09
CA CYS A 141 8.59 -16.34 0.94
C CYS A 141 7.18 -16.89 0.77
N ILE A 142 6.27 -16.49 1.65
CA ILE A 142 4.96 -17.11 1.79
C ILE A 142 3.94 -16.20 1.13
N PRO A 143 3.26 -16.64 0.08
CA PRO A 143 2.24 -15.80 -0.57
C PRO A 143 1.18 -15.35 0.43
N SER A 144 0.95 -14.05 0.50
CA SER A 144 0.00 -13.49 1.46
C SER A 144 -0.79 -12.38 0.81
N HIS A 145 -1.15 -12.57 -0.45
CA HIS A 145 -1.68 -11.50 -1.27
C HIS A 145 -3.08 -11.10 -0.84
N PHE A 146 -3.39 -9.82 -1.01
CA PHE A 146 -4.70 -9.28 -0.69
C PHE A 146 -5.04 -9.38 0.80
N MET A 147 -4.02 -9.41 1.66
CA MET A 147 -4.23 -9.43 3.09
C MET A 147 -3.26 -8.48 3.81
N HIS A 148 -3.26 -7.18 3.47
CA HIS A 148 -4.19 -6.50 2.56
C HIS A 148 -3.64 -6.27 1.15
N SER A 149 -2.32 -6.17 1.03
CA SER A 149 -1.77 -5.67 -0.23
C SER A 149 -1.83 -6.75 -1.31
N PRO A 150 -2.08 -6.36 -2.57
CA PRO A 150 -2.16 -7.37 -3.65
C PRO A 150 -0.86 -8.10 -3.90
N GLY A 151 0.29 -7.52 -3.53
CA GLY A 151 1.57 -8.20 -3.54
C GLY A 151 2.23 -8.17 -2.17
N GLN A 152 1.97 -9.17 -1.34
CA GLN A 152 2.52 -9.27 0.00
C GLN A 152 3.05 -10.67 0.22
N PHE A 153 4.20 -10.79 0.91
CA PHE A 153 4.71 -12.08 1.34
C PHE A 153 5.05 -12.06 2.82
N GLY A 154 4.87 -13.21 3.45
CA GLY A 154 5.52 -13.48 4.72
C GLY A 154 6.84 -14.19 4.48
N LEU A 155 7.62 -14.36 5.54
CA LEU A 155 8.89 -15.08 5.46
C LEU A 155 8.88 -16.15 6.54
N TYR A 156 8.98 -17.40 6.12
CA TYR A 156 9.02 -18.54 7.03
C TYR A 156 10.47 -18.96 7.20
N ASP A 157 10.98 -18.82 8.41
CA ASP A 157 12.36 -19.19 8.72
C ASP A 157 12.30 -20.68 9.08
N GLU A 158 12.72 -21.54 8.16
CA GLU A 158 12.52 -22.98 8.35
C GLU A 158 13.19 -23.47 9.62
N ARG A 159 14.40 -22.98 9.92
CA ARG A 159 15.18 -23.53 11.02
C ARG A 159 14.53 -23.24 12.38
N SER A 160 14.05 -22.02 12.58
CA SER A 160 13.36 -21.67 13.82
C SER A 160 11.89 -22.09 13.81
N ARG A 161 11.32 -22.33 12.63
CA ARG A 161 9.87 -22.49 12.47
C ARG A 161 9.09 -21.24 12.91
N ILE A 162 9.67 -20.07 12.69
CA ILE A 162 8.98 -18.80 12.94
C ILE A 162 8.52 -18.25 11.59
N LEU A 163 7.24 -17.88 11.49
CA LEU A 163 6.70 -17.20 10.33
C LEU A 163 6.59 -15.72 10.65
N PHE A 164 7.35 -14.89 9.93
CA PHE A 164 7.08 -13.46 9.93
C PHE A 164 5.92 -13.21 8.96
N SER A 165 4.84 -12.60 9.46
CA SER A 165 3.57 -12.64 8.75
C SER A 165 3.14 -11.29 8.18
N GLY A 166 3.98 -10.27 8.24
CA GLY A 166 3.58 -8.97 7.74
C GLY A 166 2.43 -8.40 8.56
N ASP A 167 1.42 -7.87 7.86
CA ASP A 167 0.25 -7.32 8.56
C ASP A 167 -0.66 -8.40 9.13
N ILE A 168 -0.47 -9.66 8.74
CA ILE A 168 -1.36 -10.71 9.23
C ILE A 168 -1.04 -11.01 10.69
N GLY A 169 -2.06 -10.97 11.54
CA GLY A 169 -1.90 -11.07 12.97
C GLY A 169 -1.63 -9.76 13.66
N ALA A 170 -1.54 -8.65 12.89
CA ALA A 170 -1.15 -7.37 13.48
C ALA A 170 -2.16 -6.94 14.53
N ALA A 171 -1.65 -6.38 15.62
CA ALA A 171 -2.45 -5.66 16.59
C ALA A 171 -2.15 -4.17 16.39
N VAL A 172 -3.19 -3.35 16.36
CA VAL A 172 -3.03 -1.95 16.02
C VAL A 172 -3.24 -1.02 17.22
N PHE A 173 -3.89 -1.49 18.29
CA PHE A 173 -4.12 -0.73 19.50
C PHE A 173 -3.13 -1.17 20.58
N ASP A 174 -2.63 -0.22 21.37
CA ASP A 174 -1.62 -0.51 22.37
C ASP A 174 -2.20 -1.34 23.52
N THR A 179 3.98 -6.81 26.28
CA THR A 179 4.71 -8.07 26.43
C THR A 179 5.19 -8.61 25.08
N THR A 180 6.06 -9.62 25.11
CA THR A 180 6.59 -10.13 23.84
C THR A 180 5.59 -11.08 23.18
N PHE A 181 5.03 -12.01 23.95
CA PHE A 181 4.09 -12.99 23.44
C PHE A 181 2.65 -12.75 23.90
N VAL A 182 1.71 -13.05 23.02
CA VAL A 182 0.30 -13.15 23.38
C VAL A 182 0.11 -14.29 24.37
N GLU A 183 -0.59 -14.03 25.49
CA GLU A 183 -0.91 -15.21 26.32
C GLU A 183 -2.39 -15.36 26.63
N ASP A 184 -3.24 -14.40 26.29
CA ASP A 184 -4.68 -14.63 26.40
C ASP A 184 -5.30 -14.13 25.10
N PHE A 185 -5.69 -15.08 24.25
CA PHE A 185 -6.24 -14.73 22.94
C PHE A 185 -7.48 -13.85 23.08
N GLU A 186 -8.30 -14.10 24.10
CA GLU A 186 -9.50 -13.29 24.28
C GLU A 186 -9.14 -11.86 24.66
N LYS A 187 -8.09 -11.66 25.46
CA LYS A 187 -7.70 -10.29 25.77
C LYS A 187 -7.04 -9.62 24.57
N HIS A 188 -6.39 -10.41 23.71
CA HIS A 188 -5.73 -9.86 22.53
C HIS A 188 -6.72 -9.53 21.41
N LEU A 189 -7.82 -10.27 21.33
CA LEU A 189 -8.75 -10.13 20.21
C LEU A 189 -9.18 -8.69 19.94
N PRO A 190 -9.54 -7.88 20.94
CA PRO A 190 -9.94 -6.49 20.62
C PRO A 190 -8.85 -5.67 19.96
N LEU A 191 -7.60 -6.08 20.06
CA LEU A 191 -6.50 -5.35 19.42
C LEU A 191 -6.34 -5.69 17.94
N ILE A 192 -6.89 -6.81 17.50
CA ILE A 192 -6.69 -7.29 16.13
C ILE A 192 -7.99 -7.41 15.35
N GLU A 193 -9.15 -7.36 16.01
CA GLU A 193 -10.39 -7.71 15.32
C GLU A 193 -10.78 -6.68 14.27
N GLY A 194 -10.87 -5.41 14.67
CA GLY A 194 -11.23 -4.37 13.73
C GLY A 194 -10.29 -4.32 12.53
N PHE A 195 -8.98 -4.43 12.80
CA PHE A 195 -8.01 -4.38 11.71
C PHE A 195 -8.22 -5.52 10.71
N HIS A 196 -8.40 -6.76 11.19
CA HIS A 196 -8.53 -7.86 10.25
C HIS A 196 -9.89 -7.82 9.54
N VAL A 197 -10.95 -7.45 10.25
CA VAL A 197 -12.26 -7.34 9.62
C VAL A 197 -12.24 -6.35 8.47
N ARG A 198 -11.51 -5.23 8.65
CA ARG A 198 -11.58 -4.14 7.67
C ARG A 198 -10.50 -4.21 6.60
N TYR A 199 -9.29 -4.69 6.93
CA TYR A 199 -8.16 -4.65 6.00
C TYR A 199 -7.93 -5.95 5.22
N MET A 200 -8.28 -7.11 5.76
CA MET A 200 -8.23 -8.33 4.95
C MET A 200 -9.38 -8.37 3.94
N ALA A 201 -9.08 -8.82 2.69
CA ALA A 201 -9.99 -8.57 1.57
C ALA A 201 -11.26 -9.42 1.61
N SER A 202 -11.18 -10.66 2.11
CA SER A 202 -12.32 -11.57 2.08
C SER A 202 -12.00 -12.84 2.86
N ASN A 203 -13.07 -13.52 3.29
CA ASN A 203 -12.87 -14.84 3.90
C ASN A 203 -12.28 -15.84 2.91
N LYS A 204 -12.60 -15.68 1.62
CA LYS A 204 -12.06 -16.57 0.60
C LYS A 204 -10.53 -16.55 0.59
N ILE A 205 -9.93 -15.35 0.62
CA ILE A 205 -8.47 -15.29 0.60
C ILE A 205 -7.92 -15.69 1.96
N VAL A 206 -8.59 -15.29 3.03
CA VAL A 206 -8.08 -15.52 4.38
C VAL A 206 -8.05 -17.00 4.72
N SER A 207 -9.06 -17.77 4.30
CA SER A 207 -9.11 -19.18 4.65
C SER A 207 -8.16 -20.03 3.82
N LYS A 208 -7.90 -19.64 2.57
CA LYS A 208 -6.86 -20.31 1.77
C LYS A 208 -5.49 -20.09 2.38
N TRP A 209 -5.20 -18.86 2.83
CA TRP A 209 -3.94 -18.58 3.51
C TRP A 209 -3.75 -19.47 4.73
N VAL A 210 -4.77 -19.53 5.60
CA VAL A 210 -4.69 -20.38 6.79
C VAL A 210 -4.34 -21.83 6.41
N GLU A 211 -5.04 -22.38 5.41
CA GLU A 211 -4.78 -23.74 4.96
C GLU A 211 -3.35 -23.92 4.48
N TYR A 212 -2.84 -22.92 3.75
CA TYR A 212 -1.45 -22.94 3.30
C TYR A 212 -0.51 -22.91 4.49
N VAL A 213 -0.74 -21.98 5.42
CA VAL A 213 0.18 -21.80 6.53
C VAL A 213 0.15 -23.01 7.45
N ARG A 214 -1.03 -23.61 7.64
CA ARG A 214 -1.13 -24.80 8.48
C ARG A 214 -0.21 -25.91 7.99
N ARG A 215 0.02 -25.98 6.67
CA ARG A 215 0.88 -27.03 6.14
C ARG A 215 2.34 -26.77 6.45
N LEU A 216 2.76 -25.50 6.48
CA LEU A 216 3.93 -25.20 7.27
C LEU A 216 3.57 -25.48 8.71
N ASN A 217 4.49 -25.93 9.49
CA ASN A 217 3.97 -26.10 10.85
C ASN A 217 4.65 -25.10 11.75
N PRO A 218 4.28 -23.82 11.68
CA PRO A 218 5.03 -22.81 12.42
C PRO A 218 4.81 -22.96 13.92
N LEU A 219 5.89 -22.74 14.66
CA LEU A 219 5.81 -22.64 16.11
C LEU A 219 5.49 -21.23 16.59
N MET A 220 5.77 -20.21 15.78
CA MET A 220 5.45 -18.82 16.11
C MET A 220 4.91 -18.12 14.88
N ILE A 221 4.05 -17.14 15.11
CA ILE A 221 3.64 -16.18 14.09
C ILE A 221 3.99 -14.79 14.62
N ALA A 222 4.93 -14.12 13.94
CA ALA A 222 5.44 -12.83 14.39
C ALA A 222 5.00 -11.74 13.41
N PRO A 223 4.04 -10.91 13.78
CA PRO A 223 3.51 -9.91 12.86
C PRO A 223 4.33 -8.63 12.85
N GLN A 224 4.02 -7.79 11.88
CA GLN A 224 4.65 -6.50 11.73
C GLN A 224 4.15 -5.48 12.76
N HIS A 225 3.07 -5.79 13.48
CA HIS A 225 2.57 -4.95 14.58
C HIS A 225 2.08 -5.84 15.71
N GLY A 226 2.52 -5.53 16.94
CA GLY A 226 1.95 -6.18 18.11
C GLY A 226 2.65 -7.46 18.47
N ALA A 227 2.17 -8.08 19.54
CA ALA A 227 2.85 -9.20 20.16
C ALA A 227 2.79 -10.45 19.28
N ILE A 228 3.69 -11.38 19.59
CA ILE A 228 3.95 -12.58 18.80
C ILE A 228 3.09 -13.73 19.31
N TYR A 229 2.57 -14.54 18.38
CA TYR A 229 1.82 -15.74 18.75
C TYR A 229 2.77 -16.93 18.82
N LYS A 230 2.73 -17.66 19.94
CA LYS A 230 3.52 -18.88 20.05
C LYS A 230 2.67 -19.98 20.67
N ASP A 231 3.06 -21.22 20.39
CA ASP A 231 2.47 -22.44 20.96
C ASP A 231 0.98 -22.48 20.65
N GLU A 232 0.11 -22.70 21.65
CA GLU A 232 -1.32 -22.80 21.42
C GLU A 232 -1.90 -21.53 20.81
N GLN A 233 -1.23 -20.39 20.94
CA GLN A 233 -1.79 -19.17 20.37
C GLN A 233 -1.67 -19.13 18.85
N VAL A 234 -0.71 -19.86 18.26
CA VAL A 234 -0.69 -20.05 16.81
C VAL A 234 -1.98 -20.71 16.35
N ASN A 235 -2.31 -21.85 16.97
CA ASN A 235 -3.58 -22.52 16.67
C ASN A 235 -4.76 -21.60 16.91
N ASN A 236 -4.75 -20.89 18.03
CA ASN A 236 -5.87 -20.01 18.34
C ASN A 236 -6.04 -18.96 17.26
N PHE A 237 -4.96 -18.32 16.85
CA PHE A 237 -5.06 -17.29 15.82
C PHE A 237 -5.54 -17.88 14.50
N LEU A 238 -4.91 -18.97 14.07
CA LEU A 238 -5.28 -19.58 12.79
C LEU A 238 -6.75 -20.00 12.78
N ASN A 239 -7.23 -20.59 13.89
CA ASN A 239 -8.64 -21.01 13.93
C ASN A 239 -9.56 -19.81 13.80
N TRP A 240 -9.25 -18.73 14.52
CA TRP A 240 -10.07 -17.53 14.47
C TRP A 240 -10.08 -16.92 13.07
N LEU A 241 -8.91 -16.83 12.44
CA LEU A 241 -8.80 -16.17 11.14
C LEU A 241 -9.55 -16.93 10.06
N SER A 242 -9.46 -18.27 10.08
CA SER A 242 -10.01 -19.05 8.98
C SER A 242 -11.52 -18.88 8.86
N GLY A 243 -12.20 -18.54 9.95
CA GLY A 243 -13.62 -18.29 9.91
C GLY A 243 -14.03 -16.84 9.87
N LEU A 244 -13.09 -15.90 9.77
CA LEU A 244 -13.39 -14.48 9.85
C LEU A 244 -14.02 -13.99 8.56
N LYS A 245 -15.14 -13.28 8.69
CA LYS A 245 -15.68 -12.54 7.57
C LYS A 245 -15.09 -11.15 7.59
N CYS A 246 -14.59 -10.69 6.43
CA CYS A 246 -13.77 -9.50 6.44
C CYS A 246 -13.81 -8.84 5.06
N GLY A 247 -13.59 -7.52 5.04
CA GLY A 247 -13.37 -6.81 3.80
C GLY A 247 -14.60 -6.75 2.92
N THR A 248 -14.47 -7.27 1.71
CA THR A 248 -15.57 -7.21 0.76
C THR A 248 -16.73 -8.13 1.14
N ASP A 249 -16.56 -9.00 2.15
CA ASP A 249 -17.70 -9.70 2.73
C ASP A 249 -18.71 -8.72 3.31
N TYR A 250 -18.29 -7.51 3.68
CA TYR A 250 -19.21 -6.50 4.18
C TYR A 250 -19.31 -5.38 3.16
N ILE A 251 -19.60 -5.71 1.91
CA ILE A 251 -19.47 -4.74 0.84
C ILE A 251 -20.44 -3.59 1.01
N GLU A 252 -21.53 -3.79 1.75
CA GLU A 252 -22.47 -2.70 1.97
C GLU A 252 -21.87 -1.60 2.85
N ASN A 253 -20.85 -1.92 3.65
CA ASN A 253 -20.11 -0.92 4.42
C ASN A 253 -19.10 -0.12 3.59
N LEU A 254 -18.78 -0.57 2.38
CA LEU A 254 -17.74 0.06 1.57
C LEU A 254 -18.30 1.03 0.54
N PHE A 255 -19.62 1.18 0.47
CA PHE A 255 -20.24 2.17 -0.41
C PHE A 255 -21.42 2.83 0.32
N GLY B 8 1.85 20.37 -19.03
CA GLY B 8 0.58 20.70 -18.41
C GLY B 8 -0.56 20.95 -19.38
N VAL B 9 -1.74 20.40 -19.06
CA VAL B 9 -2.92 20.45 -19.92
C VAL B 9 -4.13 20.88 -19.11
N VAL B 10 -4.82 21.93 -19.55
CA VAL B 10 -6.04 22.34 -18.86
C VAL B 10 -7.17 21.43 -19.34
N LEU B 11 -7.79 20.71 -18.41
CA LEU B 11 -8.87 19.77 -18.73
C LEU B 11 -10.23 20.41 -18.61
N TYR B 12 -10.37 21.42 -17.76
CA TYR B 12 -11.63 22.14 -17.62
C TYR B 12 -11.30 23.53 -17.14
N GLU B 13 -12.11 24.49 -17.59
CA GLU B 13 -11.87 25.88 -17.26
C GLU B 13 -13.18 26.63 -17.40
N ASP B 14 -13.56 27.37 -16.36
CA ASP B 14 -14.53 28.44 -16.44
C ASP B 14 -13.98 29.61 -15.63
N ALA B 15 -14.80 30.65 -15.42
CA ALA B 15 -14.28 31.88 -14.82
C ALA B 15 -13.74 31.66 -13.40
N ASP B 16 -14.29 30.70 -12.66
CA ASP B 16 -13.98 30.53 -11.25
C ASP B 16 -13.23 29.25 -10.91
N HIS B 17 -13.02 28.35 -11.87
CA HIS B 17 -12.69 26.95 -11.58
C HIS B 17 -11.92 26.35 -12.74
N LYS B 18 -10.78 25.72 -12.45
CA LYS B 18 -9.98 24.98 -13.41
C LYS B 18 -9.61 23.60 -12.84
N PHE B 19 -9.51 22.62 -13.72
CA PHE B 19 -8.95 21.30 -13.41
C PHE B 19 -7.80 21.07 -14.38
N ILE B 20 -6.61 20.82 -13.84
CA ILE B 20 -5.35 20.85 -14.59
C ILE B 20 -4.59 19.55 -14.40
N TRP B 21 -4.10 18.98 -15.50
CA TRP B 21 -3.07 17.95 -15.41
C TRP B 21 -1.72 18.66 -15.45
N LEU B 22 -0.93 18.51 -14.38
CA LEU B 22 0.30 19.28 -14.26
C LEU B 22 1.42 18.79 -15.16
N GLY B 23 1.20 17.70 -15.91
CA GLY B 23 2.12 17.30 -16.96
C GLY B 23 3.16 16.25 -16.61
N GLY B 31 12.53 4.60 -16.39
CA GLY B 31 12.65 3.93 -15.11
C GLY B 31 11.30 3.51 -14.56
N ALA B 32 11.00 3.93 -13.33
CA ALA B 32 9.75 3.61 -12.66
C ALA B 32 8.53 3.98 -13.51
N VAL B 33 7.39 3.33 -13.26
CA VAL B 33 6.15 3.77 -13.90
C VAL B 33 5.92 5.22 -13.51
N GLN B 34 5.51 6.04 -14.46
CA GLN B 34 5.38 7.44 -14.12
C GLN B 34 3.94 7.73 -13.69
N THR B 35 3.78 8.88 -13.05
CA THR B 35 2.58 9.16 -12.29
C THR B 35 1.99 10.46 -12.80
N MET B 36 0.69 10.62 -12.61
CA MET B 36 -0.04 11.80 -13.04
C MET B 36 -0.39 12.64 -11.83
N GLN B 37 -0.07 13.93 -11.88
CA GLN B 37 -0.42 14.86 -10.82
C GLN B 37 -1.44 15.85 -11.35
N TYR B 38 -2.43 16.18 -10.52
CA TYR B 38 -3.48 17.06 -10.93
C TYR B 38 -3.65 18.18 -9.92
N LEU B 39 -4.13 19.30 -10.41
CA LEU B 39 -4.39 20.48 -9.60
C LEU B 39 -5.77 21.00 -9.95
N ILE B 40 -6.57 21.27 -8.92
CA ILE B 40 -7.82 22.00 -9.06
C ILE B 40 -7.59 23.40 -8.52
N VAL B 41 -7.93 24.41 -9.30
CA VAL B 41 -7.91 25.80 -8.86
C VAL B 41 -9.33 26.31 -8.85
N ASP B 42 -9.74 26.93 -7.74
CA ASP B 42 -11.12 27.37 -7.56
C ASP B 42 -11.08 28.68 -6.79
N ARG B 43 -11.55 29.75 -7.43
CA ARG B 43 -11.48 31.10 -6.86
C ARG B 43 -10.08 31.40 -6.31
N GLY B 44 -9.05 30.97 -7.04
CA GLY B 44 -7.69 31.29 -6.68
C GLY B 44 -7.03 30.40 -5.63
N ARG B 45 -7.73 29.40 -5.09
CA ARG B 45 -7.17 28.46 -4.11
C ARG B 45 -6.99 27.09 -4.76
N GLY B 46 -6.07 26.30 -4.21
CA GLY B 46 -5.63 25.07 -4.84
C GLY B 46 -5.99 23.79 -4.10
N VAL B 47 -6.21 22.73 -4.86
CA VAL B 47 -6.37 21.37 -4.37
C VAL B 47 -5.42 20.49 -5.17
N LEU B 48 -4.47 19.85 -4.48
CA LEU B 48 -3.46 19.02 -5.12
C LEU B 48 -3.88 17.56 -5.01
N LEU B 49 -3.86 16.84 -6.11
CA LEU B 49 -4.23 15.43 -6.13
C LEU B 49 -2.98 14.57 -6.31
N ASP B 50 -2.77 13.62 -5.38
CA ASP B 50 -1.69 12.63 -5.36
C ASP B 50 -0.37 13.22 -5.84
N PRO B 51 0.22 14.19 -5.12
CA PRO B 51 1.43 14.83 -5.60
C PRO B 51 2.69 13.98 -5.46
N GLY B 52 2.57 12.76 -4.97
CA GLY B 52 3.70 11.89 -4.76
C GLY B 52 4.36 11.48 -6.06
N GLY B 53 5.55 10.89 -5.92
CA GLY B 53 6.36 10.50 -7.07
C GLY B 53 7.72 11.16 -7.09
N LEU B 56 10.94 14.74 -8.86
CA LEU B 56 11.69 15.99 -8.80
C LEU B 56 10.79 17.08 -8.26
N PHE B 57 10.79 17.18 -6.92
CA PHE B 57 9.93 18.11 -6.20
C PHE B 57 10.02 19.51 -6.76
N SER B 58 11.16 19.86 -7.33
CA SER B 58 11.32 21.19 -7.89
C SER B 58 10.55 21.36 -9.20
N ARG B 59 10.20 20.25 -9.89
CA ARG B 59 9.37 20.34 -11.08
C ARG B 59 7.93 20.63 -10.72
N VAL B 60 7.39 19.90 -9.75
CA VAL B 60 5.99 20.05 -9.37
C VAL B 60 5.74 21.46 -8.83
N VAL B 61 6.65 21.96 -7.99
CA VAL B 61 6.48 23.29 -7.42
C VAL B 61 6.40 24.35 -8.51
N THR B 62 7.36 24.33 -9.43
CA THR B 62 7.36 25.25 -10.58
C THR B 62 6.09 25.09 -11.41
N ALA B 63 5.71 23.86 -11.69
CA ALA B 63 4.51 23.60 -12.49
C ALA B 63 3.27 24.17 -11.82
N ILE B 64 3.12 23.92 -10.51
CA ILE B 64 2.00 24.48 -9.77
C ILE B 64 2.00 26.01 -9.89
N SER B 65 3.18 26.62 -9.77
CA SER B 65 3.30 28.07 -9.76
C SER B 65 2.94 28.72 -11.09
N ARG B 66 2.82 27.94 -12.17
CA ARG B 66 2.30 28.51 -13.41
C ARG B 66 0.82 28.86 -13.33
N PHE B 67 0.12 28.35 -12.30
CA PHE B 67 -1.31 28.60 -12.14
C PHE B 67 -1.66 29.23 -10.80
N ILE B 68 -0.89 28.97 -9.74
CA ILE B 68 -1.28 29.40 -8.41
C ILE B 68 -0.04 29.43 -7.53
N SER B 69 -0.02 30.37 -6.59
CA SER B 69 1.05 30.39 -5.61
C SER B 69 0.87 29.22 -4.65
N VAL B 70 1.98 28.53 -4.35
CA VAL B 70 1.88 27.32 -3.54
C VAL B 70 1.36 27.67 -2.15
N ASP B 71 1.56 28.91 -1.72
CA ASP B 71 0.88 29.52 -0.59
C ASP B 71 -0.58 29.13 -0.53
N LYS B 72 -1.25 29.11 -1.68
CA LYS B 72 -2.70 29.06 -1.74
C LYS B 72 -3.25 27.66 -1.98
N ILE B 73 -2.42 26.63 -1.88
CA ILE B 73 -2.93 25.26 -1.84
C ILE B 73 -3.54 25.02 -0.46
N ASP B 74 -4.87 24.91 -0.39
CA ASP B 74 -5.55 24.65 0.87
C ASP B 74 -5.74 23.17 1.15
N THR B 75 -5.74 22.34 0.12
CA THR B 75 -6.13 20.94 0.29
C THR B 75 -5.22 20.04 -0.54
N ILE B 76 -4.85 18.90 0.04
CA ILE B 76 -4.09 17.88 -0.68
C ILE B 76 -4.81 16.56 -0.49
N PHE B 77 -5.10 15.89 -1.59
CA PHE B 77 -5.85 14.64 -1.60
C PHE B 77 -4.88 13.50 -1.89
N PHE B 78 -4.91 12.47 -1.04
CA PHE B 78 -4.15 11.23 -1.22
C PHE B 78 -5.14 10.10 -1.46
N SER B 79 -5.09 9.48 -2.64
CA SER B 79 -6.02 8.40 -2.95
C SER B 79 -5.80 7.20 -2.04
N HIS B 80 -4.55 6.91 -1.68
CA HIS B 80 -4.28 5.80 -0.76
C HIS B 80 -2.86 5.97 -0.22
N GLN B 81 -2.29 4.89 0.32
CA GLN B 81 -1.10 4.99 1.15
C GLN B 81 0.20 4.80 0.39
N ASP B 82 0.15 4.39 -0.88
CA ASP B 82 1.36 3.91 -1.55
C ASP B 82 2.38 5.03 -1.70
N PRO B 83 3.67 4.69 -1.76
CA PRO B 83 4.71 5.72 -1.91
C PRO B 83 4.59 6.55 -3.18
N ASP B 84 4.10 6.00 -4.29
CA ASP B 84 3.91 6.86 -5.45
C ASP B 84 2.82 7.91 -5.22
N VAL B 85 2.02 7.77 -4.17
CA VAL B 85 1.05 8.81 -3.80
C VAL B 85 1.62 9.73 -2.74
N SER B 86 2.27 9.16 -1.72
CA SER B 86 2.49 9.85 -0.44
C SER B 86 3.94 10.20 -0.15
N SER B 87 4.90 9.74 -0.98
CA SER B 87 6.32 9.84 -0.63
C SER B 87 6.75 11.26 -0.27
N GLY B 88 6.13 12.28 -0.86
CA GLY B 88 6.57 13.64 -0.61
C GLY B 88 5.83 14.35 0.51
N ILE B 89 5.15 13.60 1.38
CA ILE B 89 4.24 14.20 2.35
C ILE B 89 4.96 15.22 3.24
N ALA B 90 6.20 14.92 3.63
CA ALA B 90 6.92 15.84 4.51
C ALA B 90 7.15 17.18 3.84
N LEU B 91 7.47 17.18 2.55
CA LEU B 91 7.72 18.45 1.88
C LEU B 91 6.43 19.26 1.71
N TRP B 92 5.31 18.59 1.41
CA TRP B 92 4.07 19.34 1.18
C TRP B 92 3.53 19.91 2.48
N LEU B 93 3.68 19.20 3.59
CA LEU B 93 3.31 19.75 4.88
C LEU B 93 4.26 20.87 5.31
N GLY B 94 5.49 20.85 4.81
CA GLY B 94 6.45 21.86 5.20
C GLY B 94 6.32 23.16 4.45
N ILE B 95 5.87 23.10 3.19
CA ILE B 95 5.79 24.30 2.35
C ILE B 95 4.37 24.79 2.14
N THR B 96 3.37 24.10 2.66
CA THR B 96 1.99 24.56 2.56
C THR B 96 1.35 24.48 3.94
N LYS B 97 0.22 25.18 4.11
CA LYS B 97 -0.59 24.98 5.29
C LYS B 97 -1.82 24.11 5.00
N ALA B 98 -1.78 23.33 3.93
CA ALA B 98 -2.94 22.55 3.53
C ALA B 98 -3.25 21.44 4.52
N LYS B 99 -4.52 21.09 4.61
CA LYS B 99 -4.91 19.81 5.16
C LYS B 99 -4.77 18.72 4.10
N ILE B 100 -4.50 17.52 4.55
CA ILE B 100 -4.37 16.35 3.71
C ILE B 100 -5.53 15.42 3.99
N TYR B 101 -6.31 15.09 2.96
CA TYR B 101 -7.40 14.15 3.11
C TYR B 101 -6.91 12.77 2.69
N ILE B 102 -7.14 11.79 3.55
CA ILE B 102 -6.74 10.41 3.27
C ILE B 102 -7.71 9.52 4.04
N SER B 103 -7.86 8.29 3.56
CA SER B 103 -8.67 7.31 4.26
C SER B 103 -8.27 7.23 5.72
N SER B 104 -9.29 7.18 6.59
CA SER B 104 -9.03 6.94 8.00
C SER B 104 -8.21 5.68 8.24
N LEU B 105 -8.18 4.74 7.29
CA LEU B 105 -7.37 3.54 7.45
C LEU B 105 -5.89 3.85 7.55
N TRP B 106 -5.44 4.97 6.97
CA TRP B 106 -4.04 5.25 6.79
C TRP B 106 -3.50 6.40 7.64
N VAL B 107 -4.37 7.18 8.29
CA VAL B 107 -3.92 8.34 9.07
C VAL B 107 -2.82 7.96 10.06
N ARG B 108 -2.99 6.83 10.75
CA ARG B 108 -2.05 6.41 11.78
C ARG B 108 -0.87 5.60 11.23
N PHE B 109 -0.64 5.62 9.91
CA PHE B 109 0.44 4.83 9.33
C PHE B 109 1.36 5.66 8.43
N MET B 110 1.21 6.98 8.39
CA MET B 110 2.10 7.78 7.55
C MET B 110 3.23 8.33 8.43
N PRO B 111 4.34 7.61 8.62
CA PRO B 111 5.35 7.94 9.64
C PRO B 111 5.79 9.41 9.64
N ASP B 117 2.61 16.30 11.21
CA ASP B 117 1.73 16.38 12.37
C ASP B 117 0.34 15.83 12.05
N ILE B 118 -0.20 15.01 12.97
CA ILE B 118 -1.43 14.29 12.67
C ILE B 118 -2.64 15.22 12.59
N SER B 119 -2.59 16.39 13.23
CA SER B 119 -3.72 17.29 13.10
C SER B 119 -3.88 17.85 11.68
N ARG B 120 -2.88 17.67 10.81
CA ARG B 120 -3.01 18.08 9.42
C ARG B 120 -3.75 17.05 8.57
N MET B 121 -3.94 15.83 9.05
CA MET B 121 -4.59 14.77 8.29
C MET B 121 -6.08 14.79 8.61
N VAL B 122 -6.90 14.79 7.56
CA VAL B 122 -8.35 14.64 7.71
C VAL B 122 -8.71 13.22 7.30
N PRO B 123 -9.19 12.37 8.21
CA PRO B 123 -9.53 10.98 7.84
C PRO B 123 -10.83 10.95 7.06
N ILE B 124 -10.82 10.28 5.92
CA ILE B 124 -12.01 10.09 5.11
C ILE B 124 -12.71 8.81 5.59
N PRO B 125 -13.98 8.88 6.02
CA PRO B 125 -14.68 7.66 6.42
C PRO B 125 -15.00 6.80 5.20
N ASP B 126 -15.28 5.52 5.46
CA ASP B 126 -15.30 4.52 4.39
C ASP B 126 -16.26 4.87 3.26
N LYS B 127 -17.37 5.51 3.57
CA LYS B 127 -18.37 5.77 2.54
C LYS B 127 -18.18 7.10 1.85
N GLY B 128 -17.09 7.81 2.17
CA GLY B 128 -16.76 9.04 1.49
C GLY B 128 -17.29 10.25 2.24
N MET B 129 -17.04 11.41 1.64
CA MET B 129 -17.49 12.67 2.22
C MET B 129 -17.45 13.74 1.14
N SER B 130 -18.05 14.89 1.46
CA SER B 130 -18.00 16.04 0.58
C SER B 130 -16.92 16.98 1.07
N ILE B 131 -16.26 17.65 0.13
CA ILE B 131 -15.31 18.70 0.43
C ILE B 131 -15.77 19.93 -0.32
N SER B 132 -16.10 20.99 0.41
CA SER B 132 -16.61 22.21 -0.20
C SER B 132 -15.46 23.07 -0.73
N LEU B 133 -15.71 23.74 -1.85
CA LEU B 133 -14.76 24.65 -2.49
C LEU B 133 -15.22 26.10 -2.33
N PRO B 134 -14.30 27.06 -2.42
CA PRO B 134 -14.70 28.48 -2.25
C PRO B 134 -15.77 28.96 -3.21
N SER B 135 -15.79 28.46 -4.45
CA SER B 135 -16.80 28.89 -5.40
C SER B 135 -18.20 28.46 -5.03
N GLY B 136 -18.36 27.54 -4.08
CA GLY B 136 -19.63 26.92 -3.82
C GLY B 136 -19.79 25.53 -4.38
N SER B 137 -18.87 25.09 -5.25
CA SER B 137 -18.92 23.74 -5.78
C SER B 137 -18.39 22.76 -4.74
N ASN B 138 -18.71 21.49 -4.93
CA ASN B 138 -18.26 20.44 -4.04
C ASN B 138 -17.36 19.46 -4.79
N MET B 139 -16.48 18.82 -4.02
CA MET B 139 -15.77 17.64 -4.44
C MET B 139 -16.23 16.50 -3.56
N LYS B 140 -16.34 15.32 -4.15
CA LYS B 140 -16.82 14.15 -3.43
C LYS B 140 -15.73 13.10 -3.43
N CYS B 141 -15.43 12.56 -2.25
CA CYS B 141 -14.52 11.42 -2.13
C CYS B 141 -15.29 10.14 -2.47
N ILE B 142 -14.81 9.39 -3.45
CA ILE B 142 -15.55 8.27 -4.01
C ILE B 142 -14.95 6.97 -3.48
N PRO B 143 -15.69 6.16 -2.73
CA PRO B 143 -15.14 4.90 -2.23
C PRO B 143 -14.59 4.03 -3.35
N SER B 144 -13.34 3.58 -3.20
CA SER B 144 -12.66 2.76 -4.21
C SER B 144 -11.84 1.67 -3.53
N HIS B 145 -12.40 1.09 -2.48
CA HIS B 145 -11.65 0.21 -1.61
C HIS B 145 -11.34 -1.11 -2.32
N PHE B 146 -10.19 -1.68 -2.00
CA PHE B 146 -9.72 -2.97 -2.54
C PHE B 146 -9.48 -2.92 -4.04
N MET B 147 -9.17 -1.74 -4.56
CA MET B 147 -8.86 -1.59 -5.96
C MET B 147 -7.66 -0.67 -6.18
N HIS B 148 -6.51 -0.98 -5.56
CA HIS B 148 -6.20 -2.20 -4.81
C HIS B 148 -6.24 -2.00 -3.30
N SER B 149 -6.01 -0.78 -2.84
CA SER B 149 -5.77 -0.61 -1.42
C SER B 149 -7.07 -0.76 -0.63
N PRO B 150 -7.02 -1.33 0.58
CA PRO B 150 -8.23 -1.48 1.38
C PRO B 150 -8.86 -0.16 1.77
N GLY B 151 -8.08 0.92 1.80
CA GLY B 151 -8.64 2.25 2.01
C GLY B 151 -8.25 3.15 0.86
N GLN B 152 -9.09 3.27 -0.18
CA GLN B 152 -8.81 4.11 -1.33
C GLN B 152 -10.03 4.94 -1.70
N PHE B 153 -9.78 6.18 -2.09
CA PHE B 153 -10.83 7.06 -2.60
C PHE B 153 -10.38 7.69 -3.90
N GLY B 154 -11.34 7.90 -4.81
CA GLY B 154 -11.18 8.86 -5.87
C GLY B 154 -11.77 10.20 -5.46
N LEU B 155 -11.51 11.22 -6.28
CA LEU B 155 -12.05 12.56 -6.05
C LEU B 155 -12.83 12.99 -7.28
N TYR B 156 -14.13 13.19 -7.10
CA TYR B 156 -15.04 13.63 -8.15
C TYR B 156 -15.24 15.12 -7.97
N ASP B 157 -14.75 15.89 -8.93
CA ASP B 157 -14.90 17.34 -8.94
C ASP B 157 -16.20 17.63 -9.67
N GLU B 158 -17.25 17.96 -8.91
CA GLU B 158 -18.59 18.03 -9.48
C GLU B 158 -18.71 19.09 -10.57
N ARG B 159 -17.99 20.20 -10.43
CA ARG B 159 -18.13 21.29 -11.39
C ARG B 159 -17.62 20.88 -12.77
N SER B 160 -16.48 20.21 -12.82
CA SER B 160 -15.95 19.73 -14.09
C SER B 160 -16.56 18.40 -14.52
N ARG B 161 -17.20 17.67 -13.60
CA ARG B 161 -17.58 16.27 -13.85
C ARG B 161 -16.37 15.40 -14.18
N ILE B 162 -15.21 15.72 -13.59
CA ILE B 162 -14.01 14.91 -13.76
C ILE B 162 -13.82 14.07 -12.51
N LEU B 163 -13.67 12.77 -12.70
CA LEU B 163 -13.32 11.86 -11.61
C LEU B 163 -11.83 11.56 -11.72
N PHE B 164 -11.06 12.01 -10.70
CA PHE B 164 -9.71 11.50 -10.47
C PHE B 164 -9.82 10.18 -9.73
N SER B 165 -9.23 9.13 -10.30
CA SER B 165 -9.58 7.76 -9.94
C SER B 165 -8.47 6.98 -9.24
N GLY B 166 -7.37 7.63 -8.85
CA GLY B 166 -6.31 6.88 -8.19
C GLY B 166 -5.75 5.82 -9.13
N ASP B 167 -5.55 4.61 -8.60
CA ASP B 167 -5.00 3.53 -9.41
C ASP B 167 -5.98 2.96 -10.43
N ILE B 168 -7.28 3.24 -10.30
CA ILE B 168 -8.25 2.66 -11.20
C ILE B 168 -8.16 3.34 -12.56
N GLY B 169 -8.02 2.53 -13.62
CA GLY B 169 -7.75 3.00 -14.96
C GLY B 169 -6.28 3.17 -15.28
N ALA B 170 -5.39 2.90 -14.33
CA ALA B 170 -3.97 3.15 -14.53
C ALA B 170 -3.41 2.29 -15.66
N ALA B 171 -2.54 2.89 -16.46
CA ALA B 171 -1.69 2.18 -17.41
C ALA B 171 -0.24 2.23 -16.94
N VAL B 172 0.43 1.08 -17.01
CA VAL B 172 1.80 0.96 -16.51
C VAL B 172 2.84 0.78 -17.62
N PHE B 173 2.42 0.47 -18.85
CA PHE B 173 3.35 0.32 -19.96
C PHE B 173 3.37 1.62 -20.77
N ASP B 174 4.58 2.10 -21.04
CA ASP B 174 4.80 3.41 -21.68
C ASP B 174 4.60 3.33 -23.19
N ASP B 175 3.33 3.46 -23.63
CA ASP B 175 3.06 3.44 -25.08
C ASP B 175 3.04 4.84 -25.70
N ASP B 176 1.98 5.64 -25.48
CA ASP B 176 1.97 6.86 -26.29
C ASP B 176 1.26 8.19 -25.92
N THR B 179 -0.02 8.26 -25.50
CA THR B 179 -0.75 9.54 -25.65
C THR B 179 -1.40 10.08 -24.36
N THR B 180 -1.93 11.33 -24.44
CA THR B 180 -2.49 12.08 -23.30
C THR B 180 -3.95 11.72 -22.98
N PHE B 181 -4.82 11.70 -23.99
CA PHE B 181 -6.18 11.18 -23.85
C PHE B 181 -6.20 9.82 -24.54
N VAL B 182 -6.93 8.87 -23.97
CA VAL B 182 -7.21 7.63 -24.69
C VAL B 182 -7.97 7.99 -25.96
N GLU B 183 -7.46 7.51 -27.10
CA GLU B 183 -8.19 7.71 -28.35
C GLU B 183 -8.54 6.42 -29.05
N ASP B 184 -7.99 5.29 -28.63
CA ASP B 184 -8.38 3.98 -29.15
C ASP B 184 -8.35 3.02 -27.97
N PHE B 185 -9.52 2.66 -27.46
CA PHE B 185 -9.59 1.79 -26.30
C PHE B 185 -8.91 0.46 -26.55
N GLU B 186 -9.05 -0.09 -27.76
CA GLU B 186 -8.44 -1.39 -28.01
C GLU B 186 -6.92 -1.30 -27.98
N LYS B 187 -6.35 -0.17 -28.44
CA LYS B 187 -4.90 -0.02 -28.37
C LYS B 187 -4.44 0.32 -26.96
N HIS B 188 -5.30 0.95 -26.15
CA HIS B 188 -4.91 1.26 -24.79
C HIS B 188 -4.92 0.02 -23.92
N LEU B 189 -5.76 -0.96 -24.27
CA LEU B 189 -6.00 -2.14 -23.44
C LEU B 189 -4.76 -2.90 -23.01
N PRO B 190 -3.80 -3.23 -23.89
CA PRO B 190 -2.62 -3.97 -23.41
C PRO B 190 -1.85 -3.21 -22.35
N LEU B 191 -2.03 -1.90 -22.25
CA LEU B 191 -1.35 -1.12 -21.23
C LEU B 191 -2.04 -1.19 -19.87
N ILE B 192 -3.30 -1.62 -19.81
CA ILE B 192 -4.03 -1.61 -18.55
C ILE B 192 -4.52 -2.99 -18.13
N GLU B 193 -4.55 -3.97 -19.02
CA GLU B 193 -5.24 -5.21 -18.70
C GLU B 193 -4.53 -5.99 -17.60
N GLY B 194 -3.23 -6.24 -17.77
CA GLY B 194 -2.48 -6.96 -16.74
C GLY B 194 -2.55 -6.29 -15.38
N PHE B 195 -2.40 -4.96 -15.34
CA PHE B 195 -2.42 -4.26 -14.06
C PHE B 195 -3.75 -4.51 -13.34
N HIS B 196 -4.87 -4.36 -14.05
CA HIS B 196 -6.17 -4.52 -13.41
C HIS B 196 -6.46 -5.99 -13.07
N VAL B 197 -6.07 -6.92 -13.94
CA VAL B 197 -6.32 -8.33 -13.64
C VAL B 197 -5.63 -8.73 -12.33
N ARG B 198 -4.42 -8.21 -12.08
CA ARG B 198 -3.63 -8.66 -10.93
C ARG B 198 -3.81 -7.81 -9.67
N TYR B 199 -4.05 -6.50 -9.80
CA TYR B 199 -4.06 -5.64 -8.62
C TYR B 199 -5.45 -5.38 -8.06
N MET B 200 -6.50 -5.39 -8.87
CA MET B 200 -7.86 -5.28 -8.35
C MET B 200 -8.28 -6.60 -7.71
N ALA B 201 -8.99 -6.51 -6.57
CA ALA B 201 -9.12 -7.66 -5.68
C ALA B 201 -10.06 -8.75 -6.21
N SER B 202 -11.13 -8.38 -6.92
CA SER B 202 -12.14 -9.34 -7.38
C SER B 202 -13.11 -8.65 -8.34
N ASN B 203 -13.79 -9.47 -9.16
CA ASN B 203 -14.87 -8.92 -9.97
C ASN B 203 -16.00 -8.38 -9.10
N LYS B 204 -16.23 -8.99 -7.93
CA LYS B 204 -17.27 -8.50 -7.04
C LYS B 204 -17.04 -7.03 -6.67
N ILE B 205 -15.81 -6.65 -6.36
CA ILE B 205 -15.61 -5.26 -5.93
C ILE B 205 -15.63 -4.31 -7.13
N VAL B 206 -15.02 -4.69 -8.27
CA VAL B 206 -14.90 -3.73 -9.37
C VAL B 206 -16.24 -3.44 -10.03
N SER B 207 -17.12 -4.44 -10.12
CA SER B 207 -18.40 -4.20 -10.76
C SER B 207 -19.31 -3.37 -9.87
N LYS B 208 -19.18 -3.49 -8.54
CA LYS B 208 -19.88 -2.57 -7.66
C LYS B 208 -19.38 -1.16 -7.85
N TRP B 209 -18.06 -0.98 -7.95
CA TRP B 209 -17.50 0.33 -8.20
C TRP B 209 -18.03 0.91 -9.51
N VAL B 210 -17.97 0.15 -10.59
CA VAL B 210 -18.51 0.60 -11.88
C VAL B 210 -19.96 1.08 -11.74
N GLU B 211 -20.79 0.28 -11.08
CA GLU B 211 -22.19 0.68 -10.92
C GLU B 211 -22.31 2.00 -10.17
N TYR B 212 -21.51 2.16 -9.10
CA TYR B 212 -21.47 3.42 -8.36
C TYR B 212 -21.02 4.57 -9.27
N VAL B 213 -19.93 4.36 -10.00
CA VAL B 213 -19.44 5.44 -10.84
C VAL B 213 -20.40 5.70 -11.99
N ARG B 214 -21.11 4.68 -12.48
CA ARG B 214 -22.11 4.93 -13.51
C ARG B 214 -23.16 5.94 -13.06
N ARG B 215 -23.52 5.92 -11.77
CA ARG B 215 -24.54 6.85 -11.26
C ARG B 215 -23.98 8.27 -11.12
N LEU B 216 -22.71 8.43 -10.74
CA LEU B 216 -22.03 9.67 -11.12
C LEU B 216 -21.96 9.62 -12.63
N ASN B 217 -22.03 10.74 -13.30
CA ASN B 217 -21.93 10.61 -14.75
C ASN B 217 -20.68 11.35 -15.20
N PRO B 218 -19.50 10.82 -14.87
CA PRO B 218 -18.29 11.60 -15.10
C PRO B 218 -18.10 11.76 -16.59
N LEU B 219 -17.63 12.96 -16.97
CA LEU B 219 -17.21 13.20 -18.34
C LEU B 219 -15.78 12.77 -18.59
N MET B 220 -14.98 12.63 -17.52
CA MET B 220 -13.62 12.12 -17.62
C MET B 220 -13.32 11.25 -16.41
N ILE B 221 -12.43 10.28 -16.63
CA ILE B 221 -11.81 9.54 -15.54
C ILE B 221 -10.31 9.75 -15.67
N ALA B 222 -9.71 10.39 -14.68
CA ALA B 222 -8.29 10.74 -14.77
C ALA B 222 -7.51 9.88 -13.79
N PRO B 223 -6.73 8.91 -14.27
CA PRO B 223 -6.04 7.99 -13.36
C PRO B 223 -4.72 8.55 -12.87
N GLN B 224 -4.15 7.87 -11.88
CA GLN B 224 -2.86 8.22 -11.31
C GLN B 224 -1.68 7.81 -12.18
N HIS B 225 -1.90 6.95 -13.19
CA HIS B 225 -0.87 6.54 -14.15
C HIS B 225 -1.50 6.42 -15.52
N GLY B 226 -0.89 7.03 -16.54
CA GLY B 226 -1.36 6.83 -17.89
C GLY B 226 -2.43 7.81 -18.34
N ALA B 227 -2.92 7.58 -19.56
CA ALA B 227 -3.77 8.53 -20.26
C ALA B 227 -5.16 8.62 -19.64
N ILE B 228 -5.84 9.71 -19.96
CA ILE B 228 -7.13 10.05 -19.39
C ILE B 228 -8.25 9.54 -20.29
N TYR B 229 -9.30 9.01 -19.68
CA TYR B 229 -10.50 8.62 -20.39
C TYR B 229 -11.48 9.77 -20.41
N LYS B 230 -11.95 10.14 -21.60
CA LYS B 230 -12.91 11.21 -21.74
C LYS B 230 -14.07 10.75 -22.62
N ASP B 231 -15.29 11.22 -22.29
CA ASP B 231 -16.48 10.98 -23.10
C ASP B 231 -16.65 9.48 -23.37
N GLU B 232 -16.71 9.08 -24.65
CA GLU B 232 -16.99 7.68 -24.98
C GLU B 232 -15.97 6.71 -24.40
N GLN B 233 -14.74 7.16 -24.11
CA GLN B 233 -13.76 6.28 -23.48
C GLN B 233 -14.03 6.06 -21.99
N VAL B 234 -14.76 6.98 -21.34
CA VAL B 234 -15.31 6.66 -20.02
C VAL B 234 -16.25 5.47 -20.12
N ASN B 235 -17.18 5.51 -21.09
CA ASN B 235 -18.06 4.37 -21.35
C ASN B 235 -17.26 3.11 -21.60
N ASN B 236 -16.24 3.19 -22.45
CA ASN B 236 -15.50 1.99 -22.79
C ASN B 236 -14.79 1.40 -21.58
N PHE B 237 -14.12 2.25 -20.79
CA PHE B 237 -13.41 1.72 -19.63
C PHE B 237 -14.36 1.04 -18.65
N LEU B 238 -15.46 1.72 -18.31
CA LEU B 238 -16.41 1.19 -17.34
C LEU B 238 -17.02 -0.12 -17.80
N ASN B 239 -17.39 -0.22 -19.08
CA ASN B 239 -17.95 -1.48 -19.60
C ASN B 239 -16.91 -2.59 -19.52
N TRP B 240 -15.67 -2.29 -19.88
CA TRP B 240 -14.63 -3.32 -19.82
C TRP B 240 -14.40 -3.75 -18.37
N LEU B 241 -14.25 -2.79 -17.45
CA LEU B 241 -13.89 -3.13 -16.07
C LEU B 241 -14.99 -3.93 -15.39
N SER B 242 -16.25 -3.62 -15.69
CA SER B 242 -17.35 -4.23 -14.93
C SER B 242 -17.42 -5.73 -15.13
N GLY B 243 -16.93 -6.25 -16.24
CA GLY B 243 -16.88 -7.68 -16.46
C GLY B 243 -15.54 -8.34 -16.22
N LEU B 244 -14.55 -7.59 -15.72
CA LEU B 244 -13.20 -8.11 -15.61
C LEU B 244 -13.08 -9.12 -14.47
N LYS B 245 -12.52 -10.28 -14.77
CA LYS B 245 -12.17 -11.26 -13.74
C LYS B 245 -10.76 -10.98 -13.24
N CYS B 246 -10.61 -10.83 -11.92
CA CYS B 246 -9.38 -10.23 -11.42
C CYS B 246 -9.09 -10.71 -10.01
N GLY B 247 -7.81 -10.64 -9.62
CA GLY B 247 -7.43 -10.72 -8.21
C GLY B 247 -7.70 -12.10 -7.67
N THR B 248 -8.50 -12.20 -6.60
CA THR B 248 -8.73 -13.53 -6.04
C THR B 248 -9.62 -14.40 -6.92
N ASP B 249 -10.23 -13.82 -7.97
CA ASP B 249 -10.92 -14.66 -8.95
C ASP B 249 -9.96 -15.68 -9.56
N TYR B 250 -8.65 -15.38 -9.58
CA TYR B 250 -7.62 -16.30 -10.07
C TYR B 250 -6.76 -16.77 -8.91
N ILE B 251 -7.41 -17.32 -7.87
CA ILE B 251 -6.70 -17.59 -6.63
C ILE B 251 -5.66 -18.70 -6.80
N GLU B 252 -5.81 -19.58 -7.78
CA GLU B 252 -4.78 -20.60 -7.98
C GLU B 252 -3.47 -20.00 -8.43
N ASN B 253 -3.50 -18.80 -9.02
CA ASN B 253 -2.25 -18.11 -9.34
C ASN B 253 -1.58 -17.49 -8.12
N LEU B 254 -2.27 -17.38 -6.98
CA LEU B 254 -1.74 -16.66 -5.83
C LEU B 254 -1.10 -17.58 -4.78
N PHE B 255 -1.14 -18.89 -4.99
CA PHE B 255 -0.50 -19.85 -4.09
C PHE B 255 0.14 -20.94 -4.93
#